data_2VKQ
#
_entry.id   2VKQ
#
_cell.length_a   88.265
_cell.length_b   99.388
_cell.length_c   78.041
_cell.angle_alpha   90.00
_cell.angle_beta   90.00
_cell.angle_gamma   90.00
#
_symmetry.space_group_name_H-M   'C 2 2 21'
#
loop_
_entity.id
_entity.type
_entity.pdbx_description
1 polymer "CYTOSOLIC 5'-NUCLEOTIDASE III"
2 non-polymer 'BERYLLIUM TRIFLUORIDE ION'
3 non-polymer 'MAGNESIUM ION'
4 water water
#
_entity_poly.entity_id   1
_entity_poly.type   'polypeptide(L)'
_entity_poly.pdbx_seq_one_letter_code
;MGSSHHHHHHSSGLVPRGSNPTRVEEIICGLIKGGAAKLQIITDFDMTLSRFSYKGKRCPTCHNIIDNCKLVTDECRKKL
LQLKEKYYAIEVDPVLTVEEKYPYMVEWYTKSHGLLVQQALPKAKLKEIVAESDVMLKEGYENFFDKLQQHSIPVFIFSA
GIGDVLEEVIRQAGVYHPNVKVVSNFMDFDETGVLKGFKGELIHVFNKHDGALRNTEYFNQLKDNSNIILLGDSQGDLRM
ADGVANVEHILKIGYLNDRVDELLEKYMDSYDIVLVQDESLEVANSILQKIL
;
_entity_poly.pdbx_strand_id   A
#
# COMPACT_ATOMS: atom_id res chain seq x y z
N ASN A 20 11.28 19.07 -14.16
CA ASN A 20 11.24 18.66 -12.73
C ASN A 20 10.51 19.71 -11.87
N PRO A 21 11.19 20.80 -11.44
CA PRO A 21 10.64 21.56 -10.30
C PRO A 21 9.53 22.56 -10.66
N THR A 22 9.61 23.20 -11.83
CA THR A 22 8.55 24.10 -12.28
C THR A 22 7.25 23.34 -12.45
N ARG A 23 7.32 22.14 -13.01
CA ARG A 23 6.11 21.33 -13.25
C ARG A 23 5.47 20.89 -11.94
N VAL A 24 6.29 20.44 -11.00
CA VAL A 24 5.78 20.05 -9.69
C VAL A 24 5.03 21.19 -9.02
N GLU A 25 5.57 22.40 -9.13
CA GLU A 25 4.93 23.59 -8.54
C GLU A 25 3.62 23.94 -9.24
N GLU A 26 3.56 23.76 -10.55
CA GLU A 26 2.34 24.04 -11.28
C GLU A 26 1.24 23.01 -10.96
N ILE A 27 1.64 21.78 -10.66
CA ILE A 27 0.68 20.77 -10.18
C ILE A 27 0.13 21.15 -8.81
N ILE A 28 1.02 21.45 -7.87
CA ILE A 28 0.62 21.82 -6.51
C ILE A 28 -0.29 23.06 -6.49
N CYS A 29 0.02 24.06 -7.31
CA CYS A 29 -0.84 25.25 -7.43
C CYS A 29 -2.24 24.85 -7.89
N GLY A 30 -2.31 23.93 -8.84
CA GLY A 30 -3.59 23.36 -9.26
C GLY A 30 -4.34 22.77 -8.08
N LEU A 31 -3.64 21.98 -7.25
CA LEU A 31 -4.23 21.38 -6.07
C LEU A 31 -4.72 22.42 -5.07
N ILE A 32 -3.93 23.46 -4.86
CA ILE A 32 -4.28 24.52 -3.91
C ILE A 32 -5.56 25.23 -4.36
N LYS A 33 -5.66 25.51 -5.65
CA LYS A 33 -6.83 26.21 -6.22
C LYS A 33 -8.11 25.41 -6.04
N GLY A 34 -8.02 24.09 -6.12
CA GLY A 34 -9.19 23.21 -6.01
C GLY A 34 -9.68 23.01 -4.60
N GLY A 35 -8.77 23.07 -3.62
CA GLY A 35 -9.14 22.94 -2.22
C GLY A 35 -9.61 21.53 -1.88
N ALA A 36 -10.14 21.39 -0.66
CA ALA A 36 -10.69 20.12 -0.19
C ALA A 36 -11.80 19.60 -1.09
N ALA A 37 -12.60 20.52 -1.63
CA ALA A 37 -13.78 20.17 -2.43
C ALA A 37 -13.46 19.28 -3.63
N LYS A 38 -12.30 19.49 -4.25
CA LYS A 38 -11.91 18.72 -5.43
C LYS A 38 -10.92 17.59 -5.15
N LEU A 39 -10.50 17.41 -3.91
CA LEU A 39 -9.36 16.54 -3.61
C LEU A 39 -9.77 15.10 -3.27
N GLN A 40 -8.95 14.14 -3.71
CA GLN A 40 -8.98 12.77 -3.19
C GLN A 40 -7.58 12.19 -3.10
N ILE A 41 -7.40 11.24 -2.19
CA ILE A 41 -6.13 10.56 -1.98
C ILE A 41 -6.23 9.11 -2.42
N ILE A 42 -5.23 8.65 -3.16
CA ILE A 42 -5.06 7.24 -3.53
C ILE A 42 -3.65 6.86 -3.10
N THR A 43 -3.52 5.79 -2.33
CA THR A 43 -2.26 5.49 -1.68
C THR A 43 -2.06 4.00 -1.41
N ASP A 44 -0.80 3.59 -1.51
CA ASP A 44 -0.34 2.25 -1.17
C ASP A 44 -0.27 2.17 0.35
N PHE A 45 -0.21 0.96 0.92
CA PHE A 45 0.05 0.82 2.37
C PHE A 45 1.52 0.41 2.68
N ASP A 46 1.89 -0.84 2.39
CA ASP A 46 3.19 -1.39 2.82
C ASP A 46 4.34 -0.54 2.30
N MET A 47 5.13 -0.01 3.23
CA MET A 47 6.32 0.77 2.95
C MET A 47 6.01 2.12 2.29
N THR A 48 4.71 2.46 2.23
CA THR A 48 4.27 3.80 1.81
C THR A 48 3.69 4.54 3.02
N LEU A 49 2.69 3.95 3.66
CA LEU A 49 2.16 4.47 4.93
C LEU A 49 2.89 3.84 6.14
N SER A 50 3.44 2.64 5.96
CA SER A 50 4.18 1.95 7.02
C SER A 50 5.65 2.12 6.77
N ARG A 51 6.47 1.95 7.81
CA ARG A 51 7.90 2.21 7.66
C ARG A 51 8.65 1.02 7.09
N PHE A 52 9.75 1.31 6.38
CA PHE A 52 10.65 0.28 5.86
C PHE A 52 11.60 -0.22 6.95
N SER A 53 12.09 0.68 7.80
CA SER A 53 12.98 0.31 8.90
C SER A 53 12.92 1.29 10.03
N TYR A 54 13.48 0.89 11.17
CA TYR A 54 13.33 1.67 12.39
C TYR A 54 14.38 1.29 13.40
N LYS A 55 15.12 2.28 13.90
CA LYS A 55 16.20 2.06 14.85
C LYS A 55 17.16 0.93 14.44
N GLY A 56 17.45 0.83 13.14
CA GLY A 56 18.46 -0.08 12.64
C GLY A 56 17.97 -1.49 12.36
N LYS A 57 16.66 -1.68 12.41
CA LYS A 57 16.04 -2.98 12.09
C LYS A 57 14.96 -2.80 11.04
N ARG A 58 14.90 -3.75 10.12
CA ARG A 58 13.84 -3.82 9.11
C ARG A 58 12.47 -4.00 9.77
N CYS A 59 11.46 -3.34 9.20
CA CYS A 59 10.07 -3.42 9.69
C CYS A 59 9.27 -4.35 8.78
N PRO A 60 8.19 -4.96 9.32
CA PRO A 60 7.42 -5.94 8.56
C PRO A 60 6.36 -5.35 7.61
N THR A 61 6.18 -6.02 6.47
CA THR A 61 4.98 -5.88 5.65
C THR A 61 3.81 -6.61 6.33
N CYS A 62 2.58 -6.29 5.91
CA CYS A 62 1.38 -7.02 6.39
C CYS A 62 1.60 -8.52 6.42
N HIS A 63 2.10 -9.04 5.32
CA HIS A 63 2.39 -10.46 5.20
C HIS A 63 3.39 -10.91 6.28
N ASN A 64 4.43 -10.12 6.51
CA ASN A 64 5.44 -10.43 7.55
C ASN A 64 4.87 -10.47 8.96
N ILE A 65 3.86 -9.65 9.23
CA ILE A 65 3.21 -9.64 10.54
C ILE A 65 2.68 -11.04 10.87
N ILE A 66 1.99 -11.65 9.91
CA ILE A 66 1.49 -13.02 10.07
C ILE A 66 2.61 -14.04 10.02
N ASP A 67 3.55 -13.86 9.09
CA ASP A 67 4.67 -14.80 8.93
C ASP A 67 5.43 -15.00 10.24
N ASN A 68 5.59 -13.93 11.02
CA ASN A 68 6.44 -13.94 12.20
C ASN A 68 5.71 -14.05 13.55
N CYS A 69 4.40 -14.28 13.53
CA CYS A 69 3.65 -14.29 14.78
C CYS A 69 3.62 -15.66 15.44
N LYS A 70 3.12 -15.69 16.68
CA LYS A 70 3.07 -16.89 17.51
C LYS A 70 2.24 -18.04 16.92
N LEU A 71 1.24 -17.72 16.10
CA LEU A 71 0.34 -18.72 15.52
C LEU A 71 0.87 -19.36 14.22
N VAL A 72 2.18 -19.31 14.00
CA VAL A 72 2.81 -19.94 12.85
C VAL A 72 4.05 -20.68 13.33
N THR A 73 4.17 -21.96 12.94
CA THR A 73 5.28 -22.80 13.39
C THR A 73 6.58 -22.42 12.69
N ASP A 74 7.70 -22.87 13.24
CA ASP A 74 9.02 -22.57 12.66
C ASP A 74 9.24 -23.19 11.28
N GLU A 75 8.83 -24.46 11.11
CA GLU A 75 8.98 -25.15 9.82
C GLU A 75 8.27 -24.38 8.71
N CYS A 76 7.07 -23.88 9.02
CA CYS A 76 6.33 -23.05 8.07
C CYS A 76 7.06 -21.73 7.77
N ARG A 77 7.60 -21.11 8.82
CA ARG A 77 8.39 -19.88 8.66
C ARG A 77 9.66 -20.15 7.84
N LYS A 78 10.26 -21.32 8.01
CA LYS A 78 11.35 -21.77 7.14
C LYS A 78 10.90 -21.78 5.67
N LYS A 79 9.80 -22.47 5.39
CA LYS A 79 9.25 -22.62 4.02
C LYS A 79 8.92 -21.28 3.35
N LEU A 80 8.35 -20.35 4.11
CA LEU A 80 8.05 -19.02 3.58
C LEU A 80 9.33 -18.27 3.20
N LEU A 81 10.41 -18.50 3.96
CA LEU A 81 11.70 -17.88 3.66
C LEU A 81 12.36 -18.53 2.44
N GLN A 82 12.13 -19.83 2.26
CA GLN A 82 12.60 -20.52 1.06
C GLN A 82 11.92 -19.94 -0.17
N LEU A 83 10.59 -19.78 -0.11
CA LEU A 83 9.84 -19.14 -1.19
C LEU A 83 10.38 -17.73 -1.44
N LYS A 84 10.45 -16.93 -0.37
CA LYS A 84 10.92 -15.54 -0.48
C LYS A 84 12.18 -15.40 -1.32
N GLU A 85 13.22 -16.16 -0.97
CA GLU A 85 14.50 -16.02 -1.65
C GLU A 85 14.51 -16.65 -3.05
N LYS A 86 13.56 -17.54 -3.33
CA LYS A 86 13.40 -18.05 -4.69
C LYS A 86 12.77 -16.95 -5.56
N TYR A 87 11.63 -16.42 -5.10
CA TYR A 87 10.80 -15.53 -5.93
C TYR A 87 11.20 -14.05 -5.86
N TYR A 88 11.72 -13.58 -4.72
CA TYR A 88 12.26 -12.22 -4.65
C TYR A 88 13.39 -12.06 -5.67
N ALA A 89 14.29 -13.05 -5.69
CA ALA A 89 15.38 -13.06 -6.66
C ALA A 89 14.87 -12.88 -8.08
N ILE A 90 13.73 -13.51 -8.39
CA ILE A 90 13.10 -13.40 -9.72
C ILE A 90 12.45 -12.03 -9.89
N GLU A 91 11.83 -11.50 -8.85
CA GLU A 91 11.18 -10.18 -8.93
C GLU A 91 12.14 -9.04 -9.27
N VAL A 92 13.29 -8.99 -8.60
CA VAL A 92 14.27 -7.92 -8.83
C VAL A 92 15.21 -8.23 -10.01
N ASP A 93 15.05 -9.40 -10.62
CA ASP A 93 15.84 -9.78 -11.79
C ASP A 93 15.74 -8.70 -12.88
N PRO A 94 16.89 -8.11 -13.25
CA PRO A 94 16.82 -7.00 -14.21
C PRO A 94 16.47 -7.45 -15.65
N VAL A 95 17.06 -8.55 -16.12
CA VAL A 95 16.88 -9.00 -17.50
C VAL A 95 15.42 -9.25 -17.89
N LEU A 96 14.64 -9.80 -16.96
CA LEU A 96 13.28 -10.23 -17.28
C LEU A 96 12.32 -9.06 -17.45
N THR A 97 11.56 -9.10 -18.54
CA THR A 97 10.45 -8.15 -18.71
C THR A 97 9.38 -8.49 -17.68
N VAL A 98 8.61 -7.48 -17.25
CA VAL A 98 7.64 -7.66 -16.17
C VAL A 98 6.57 -8.73 -16.44
N GLU A 99 6.31 -9.01 -17.72
CA GLU A 99 5.32 -10.03 -18.08
C GLU A 99 5.88 -11.44 -17.95
N GLU A 100 7.18 -11.62 -18.20
CA GLU A 100 7.87 -12.87 -17.85
C GLU A 100 7.82 -13.14 -16.34
N LYS A 101 7.90 -12.08 -15.53
CA LYS A 101 7.85 -12.19 -14.07
C LYS A 101 6.44 -12.43 -13.52
N TYR A 102 5.44 -12.08 -14.32
CA TYR A 102 4.04 -12.00 -13.85
C TYR A 102 3.50 -13.32 -13.27
N PRO A 103 3.75 -14.46 -13.95
CA PRO A 103 3.31 -15.75 -13.42
C PRO A 103 4.05 -16.17 -12.16
N TYR A 104 5.35 -15.89 -12.08
CA TYR A 104 6.14 -16.25 -10.89
C TYR A 104 5.63 -15.52 -9.66
N MET A 105 5.25 -14.25 -9.84
CA MET A 105 4.64 -13.44 -8.77
C MET A 105 3.29 -14.03 -8.36
N VAL A 106 2.49 -14.44 -9.34
CA VAL A 106 1.21 -15.06 -9.06
C VAL A 106 1.45 -16.36 -8.28
N GLU A 107 2.40 -17.15 -8.76
CA GLU A 107 2.79 -18.39 -8.11
C GLU A 107 3.23 -18.15 -6.66
N TRP A 108 4.02 -17.09 -6.47
CA TRP A 108 4.54 -16.72 -5.15
C TRP A 108 3.44 -16.44 -4.12
N TYR A 109 2.51 -15.55 -4.47
CA TYR A 109 1.44 -15.15 -3.53
C TYR A 109 0.52 -16.33 -3.19
N THR A 110 0.29 -17.22 -4.16
CA THR A 110 -0.58 -18.38 -3.96
C THR A 110 -0.02 -19.37 -2.94
N LYS A 111 1.27 -19.66 -3.07
CA LYS A 111 1.94 -20.60 -2.16
C LYS A 111 2.06 -20.06 -0.73
N SER A 112 2.32 -18.76 -0.60
CA SER A 112 2.38 -18.12 0.73
C SER A 112 1.05 -18.21 1.44
N HIS A 113 -0.02 -17.78 0.77
CA HIS A 113 -1.36 -17.93 1.29
C HIS A 113 -1.69 -19.41 1.50
N GLY A 114 -1.22 -20.26 0.59
CA GLY A 114 -1.37 -21.71 0.72
C GLY A 114 -0.77 -22.21 2.02
N LEU A 115 0.45 -21.78 2.32
CA LEU A 115 1.12 -22.11 3.57
C LEU A 115 0.38 -21.54 4.78
N LEU A 116 -0.10 -20.31 4.65
CA LEU A 116 -0.89 -19.66 5.70
C LEU A 116 -2.23 -20.37 5.93
N VAL A 117 -2.88 -20.79 4.86
CA VAL A 117 -4.15 -21.52 4.97
C VAL A 117 -3.98 -22.83 5.75
N GLN A 118 -2.87 -23.55 5.53
CA GLN A 118 -2.62 -24.80 6.26
C GLN A 118 -2.41 -24.60 7.76
N GLN A 119 -1.88 -23.44 8.14
CA GLN A 119 -1.70 -23.10 9.56
C GLN A 119 -3.05 -22.93 10.29
N ALA A 120 -4.09 -22.56 9.55
CA ALA A 120 -5.46 -22.47 10.07
C ALA A 120 -5.63 -21.28 11.03
N LEU A 121 -5.33 -20.08 10.54
CA LEU A 121 -5.38 -18.89 11.37
C LEU A 121 -6.80 -18.57 11.84
N PRO A 122 -6.98 -18.43 13.16
CA PRO A 122 -8.24 -17.90 13.68
C PRO A 122 -8.40 -16.40 13.41
N LYS A 123 -9.56 -16.01 12.89
CA LYS A 123 -9.92 -14.58 12.70
C LYS A 123 -9.86 -13.81 14.02
N ALA A 124 -10.25 -14.47 15.11
CA ALA A 124 -10.27 -13.88 16.44
C ALA A 124 -8.90 -13.37 16.90
N LYS A 125 -7.84 -14.07 16.49
CA LYS A 125 -6.50 -13.78 16.99
C LYS A 125 -5.83 -12.59 16.31
N LEU A 126 -6.34 -12.15 15.16
CA LEU A 126 -5.67 -11.12 14.35
C LEU A 126 -5.30 -9.83 15.10
N LYS A 127 -6.18 -9.39 15.98
CA LYS A 127 -5.98 -8.19 16.80
C LYS A 127 -4.80 -8.34 17.78
N GLU A 128 -4.59 -9.56 18.29
CA GLU A 128 -3.44 -9.85 19.16
C GLU A 128 -2.14 -9.77 18.37
N ILE A 129 -2.12 -10.48 17.24
CA ILE A 129 -0.94 -10.57 16.37
C ILE A 129 -0.42 -9.19 15.95
N VAL A 130 -1.32 -8.33 15.48
CA VAL A 130 -0.92 -6.98 15.11
C VAL A 130 -0.43 -6.21 16.34
N ALA A 131 -1.16 -6.30 17.44
CA ALA A 131 -0.79 -5.67 18.71
C ALA A 131 0.65 -5.95 19.13
N GLU A 132 1.09 -7.20 18.96
CA GLU A 132 2.41 -7.61 19.43
C GLU A 132 3.44 -7.70 18.27
N SER A 133 3.12 -7.08 17.14
CA SER A 133 4.04 -7.04 16.01
C SER A 133 4.98 -5.84 16.09
N ASP A 134 5.95 -5.81 15.18
CA ASP A 134 6.91 -4.70 15.10
C ASP A 134 6.50 -3.67 14.04
N VAL A 135 5.24 -3.70 13.62
CA VAL A 135 4.77 -2.78 12.58
C VAL A 135 4.79 -1.34 13.09
N MET A 136 5.05 -0.40 12.18
CA MET A 136 5.09 1.04 12.50
C MET A 136 4.65 1.89 11.32
N LEU A 137 3.76 2.84 11.57
CA LEU A 137 3.35 3.79 10.56
C LEU A 137 4.36 4.94 10.50
N LYS A 138 4.49 5.57 9.34
CA LYS A 138 5.49 6.61 9.15
C LYS A 138 5.23 7.79 10.07
N GLU A 139 6.28 8.56 10.34
CA GLU A 139 6.18 9.71 11.21
C GLU A 139 5.23 10.71 10.58
N GLY A 140 4.34 11.28 11.40
CA GLY A 140 3.35 12.25 10.94
C GLY A 140 2.00 11.71 10.52
N TYR A 141 1.78 10.40 10.68
CA TYR A 141 0.54 9.76 10.22
C TYR A 141 -0.74 10.31 10.90
N GLU A 142 -0.65 10.66 12.18
CA GLU A 142 -1.83 11.24 12.85
C GLU A 142 -2.31 12.48 12.11
N ASN A 143 -1.39 13.40 11.85
CA ASN A 143 -1.72 14.65 11.16
C ASN A 143 -2.29 14.36 9.78
N PHE A 144 -1.68 13.41 9.09
CA PHE A 144 -2.13 12.98 7.78
C PHE A 144 -3.61 12.58 7.82
N PHE A 145 -3.91 11.51 8.53
CA PHE A 145 -5.26 10.98 8.54
C PHE A 145 -6.30 11.91 9.14
N ASP A 146 -5.93 12.65 10.18
CA ASP A 146 -6.88 13.54 10.87
C ASP A 146 -7.28 14.73 10.00
N LYS A 147 -6.32 15.33 9.30
CA LYS A 147 -6.63 16.47 8.43
C LYS A 147 -7.54 16.02 7.30
N LEU A 148 -7.22 14.88 6.72
CA LEU A 148 -8.02 14.33 5.64
C LEU A 148 -9.45 13.98 6.11
N GLN A 149 -9.58 13.46 7.33
CA GLN A 149 -10.92 13.16 7.88
C GLN A 149 -11.70 14.45 8.13
N GLN A 150 -11.05 15.45 8.73
CA GLN A 150 -11.68 16.73 9.03
C GLN A 150 -12.39 17.38 7.85
N HIS A 151 -11.76 17.32 6.69
CA HIS A 151 -12.31 17.96 5.49
C HIS A 151 -13.02 16.95 4.57
N SER A 152 -13.32 15.77 5.11
CA SER A 152 -14.01 14.71 4.34
C SER A 152 -13.36 14.43 2.99
N ILE A 153 -12.04 14.29 2.97
CA ILE A 153 -11.31 13.94 1.74
C ILE A 153 -11.30 12.40 1.57
N PRO A 154 -11.88 11.89 0.46
CA PRO A 154 -11.83 10.44 0.29
C PRO A 154 -10.40 9.90 0.22
N VAL A 155 -10.17 8.82 0.96
CA VAL A 155 -8.88 8.11 0.96
C VAL A 155 -9.09 6.65 0.51
N PHE A 156 -8.41 6.28 -0.56
CA PHE A 156 -8.51 4.95 -1.15
C PHE A 156 -7.20 4.24 -0.92
N ILE A 157 -7.15 3.36 0.09
CA ILE A 157 -5.94 2.58 0.36
C ILE A 157 -6.00 1.27 -0.44
N PHE A 158 -4.99 1.09 -1.30
CA PHE A 158 -4.96 0.03 -2.31
C PHE A 158 -3.64 -0.75 -2.15
N SER A 159 -3.75 -1.94 -1.55
CA SER A 159 -2.61 -2.69 -1.04
C SER A 159 -2.58 -4.12 -1.57
N ALA A 160 -1.38 -4.62 -1.89
CA ALA A 160 -1.20 -6.03 -2.26
C ALA A 160 -0.87 -6.91 -1.05
N GLY A 161 -1.01 -6.36 0.16
CA GLY A 161 -0.78 -7.12 1.39
C GLY A 161 -2.03 -7.91 1.80
N ILE A 162 -2.34 -7.89 3.10
CA ILE A 162 -3.52 -8.57 3.64
C ILE A 162 -4.46 -7.55 4.26
N GLY A 163 -5.70 -7.50 3.77
CA GLY A 163 -6.68 -6.50 4.23
C GLY A 163 -7.03 -6.58 5.71
N ASP A 164 -7.22 -7.78 6.22
CA ASP A 164 -7.54 -7.95 7.64
C ASP A 164 -6.42 -7.43 8.54
N VAL A 165 -5.16 -7.66 8.14
CA VAL A 165 -3.99 -7.16 8.88
C VAL A 165 -3.92 -5.62 8.83
N LEU A 166 -3.83 -5.08 7.61
CA LEU A 166 -3.87 -3.62 7.35
C LEU A 166 -4.92 -2.87 8.17
N GLU A 167 -6.18 -3.31 8.09
CA GLU A 167 -7.28 -2.68 8.83
C GLU A 167 -7.05 -2.57 10.35
N GLU A 168 -6.49 -3.63 10.93
CA GLU A 168 -6.18 -3.66 12.35
C GLU A 168 -5.02 -2.73 12.71
N VAL A 169 -4.09 -2.50 11.78
CA VAL A 169 -2.96 -1.60 12.04
C VAL A 169 -3.48 -0.16 12.19
N ILE A 170 -4.30 0.29 11.25
CA ILE A 170 -4.80 1.66 11.25
C ILE A 170 -5.91 1.84 12.28
N ARG A 171 -6.63 0.76 12.59
CA ARG A 171 -7.65 0.80 13.64
C ARG A 171 -6.99 1.02 15.01
N GLN A 172 -6.06 0.14 15.36
CA GLN A 172 -5.29 0.25 16.62
C GLN A 172 -4.48 1.56 16.69
N ALA A 173 -4.13 2.12 15.54
CA ALA A 173 -3.46 3.43 15.49
C ALA A 173 -4.44 4.62 15.62
N GLY A 174 -5.74 4.34 15.52
CA GLY A 174 -6.80 5.35 15.73
C GLY A 174 -7.12 6.20 14.52
N VAL A 175 -6.76 5.72 13.34
CA VAL A 175 -6.87 6.51 12.11
C VAL A 175 -7.67 5.81 11.00
N TYR A 176 -8.47 4.81 11.34
CA TYR A 176 -9.44 4.24 10.40
C TYR A 176 -10.72 5.07 10.41
N HIS A 177 -10.65 6.28 9.88
CA HIS A 177 -11.78 7.19 9.91
C HIS A 177 -12.80 6.79 8.83
N PRO A 178 -14.02 7.34 8.86
CA PRO A 178 -15.04 6.99 7.85
C PRO A 178 -14.72 7.34 6.40
N ASN A 179 -13.83 8.29 6.16
CA ASN A 179 -13.45 8.64 4.79
C ASN A 179 -12.52 7.60 4.14
N VAL A 180 -12.07 6.60 4.91
CA VAL A 180 -11.01 5.69 4.45
C VAL A 180 -11.59 4.40 3.88
N LYS A 181 -11.29 4.12 2.62
CA LYS A 181 -11.66 2.86 1.97
C LYS A 181 -10.44 1.97 1.79
N VAL A 182 -10.56 0.68 2.13
CA VAL A 182 -9.49 -0.29 1.98
C VAL A 182 -9.80 -1.33 0.90
N VAL A 183 -8.92 -1.46 -0.07
CA VAL A 183 -8.99 -2.53 -1.06
C VAL A 183 -7.68 -3.32 -1.04
N SER A 184 -7.76 -4.59 -0.64
CA SER A 184 -6.60 -5.47 -0.64
C SER A 184 -7.02 -6.92 -0.73
N ASN A 185 -6.09 -7.84 -0.45
CA ASN A 185 -6.39 -9.25 -0.42
C ASN A 185 -6.99 -9.61 0.95
N PHE A 186 -8.30 -9.74 1.01
CA PHE A 186 -8.98 -10.05 2.27
C PHE A 186 -9.13 -11.54 2.49
N MET A 187 -9.08 -11.94 3.75
CA MET A 187 -9.14 -13.34 4.11
C MET A 187 -10.57 -13.87 4.02
N ASP A 188 -10.69 -15.17 3.77
CA ASP A 188 -11.95 -15.86 3.65
C ASP A 188 -11.97 -16.97 4.68
N PHE A 189 -12.90 -16.89 5.64
CA PHE A 189 -12.94 -17.80 6.79
C PHE A 189 -14.10 -18.80 6.73
N ASP A 190 -13.93 -19.94 7.39
CA ASP A 190 -14.95 -20.99 7.42
C ASP A 190 -15.99 -20.70 8.52
N GLU A 191 -16.91 -21.64 8.75
CA GLU A 191 -17.94 -21.46 9.79
C GLU A 191 -17.34 -21.35 11.20
N THR A 192 -16.12 -21.89 11.37
CA THR A 192 -15.41 -21.89 12.66
C THR A 192 -14.62 -20.60 12.91
N GLY A 193 -14.50 -19.75 11.89
CA GLY A 193 -13.65 -18.56 11.96
C GLY A 193 -12.19 -18.89 11.71
N VAL A 194 -11.96 -20.00 11.00
CA VAL A 194 -10.62 -20.47 10.63
C VAL A 194 -10.42 -20.30 9.12
N LEU A 195 -9.28 -19.69 8.76
CA LEU A 195 -8.97 -19.28 7.38
C LEU A 195 -8.98 -20.43 6.37
N LYS A 196 -9.76 -20.28 5.29
CA LYS A 196 -9.79 -21.29 4.21
C LYS A 196 -9.22 -20.78 2.89
N GLY A 197 -9.03 -19.47 2.76
CA GLY A 197 -8.53 -18.89 1.52
C GLY A 197 -8.72 -17.39 1.50
N PHE A 198 -8.62 -16.79 0.32
CA PHE A 198 -8.72 -15.34 0.15
C PHE A 198 -9.81 -14.97 -0.85
N LYS A 199 -10.41 -13.80 -0.66
CA LYS A 199 -11.56 -13.37 -1.46
C LYS A 199 -11.14 -12.69 -2.76
N GLY A 200 -12.00 -12.77 -3.78
CA GLY A 200 -11.82 -12.03 -5.03
C GLY A 200 -10.57 -12.42 -5.81
N GLU A 201 -10.15 -11.53 -6.70
CA GLU A 201 -8.98 -11.76 -7.55
C GLU A 201 -7.74 -11.13 -6.97
N LEU A 202 -6.64 -11.88 -6.95
CA LEU A 202 -5.39 -11.48 -6.28
C LEU A 202 -4.86 -10.10 -6.70
N ILE A 203 -4.52 -9.29 -5.71
CA ILE A 203 -3.81 -8.03 -5.95
C ILE A 203 -2.34 -8.27 -5.61
N HIS A 204 -1.49 -8.20 -6.62
CA HIS A 204 -0.04 -8.34 -6.43
C HIS A 204 0.68 -7.13 -7.01
N VAL A 205 2.02 -7.14 -6.94
CA VAL A 205 2.80 -5.92 -7.16
C VAL A 205 2.66 -5.30 -8.58
N PHE A 206 2.37 -6.13 -9.57
CA PHE A 206 2.41 -5.71 -10.97
C PHE A 206 1.06 -5.54 -11.67
N ASN A 207 -0.07 -5.78 -10.98
CA ASN A 207 -1.38 -5.76 -11.64
C ASN A 207 -2.38 -4.80 -11.02
N LYS A 208 -1.91 -3.69 -10.49
CA LYS A 208 -2.81 -2.76 -9.81
C LYS A 208 -3.73 -1.98 -10.78
N HIS A 209 -3.39 -1.97 -12.07
CA HIS A 209 -4.24 -1.41 -13.12
C HIS A 209 -5.61 -2.09 -13.17
N ASP A 210 -5.61 -3.41 -13.03
CA ASP A 210 -6.83 -4.23 -13.07
C ASP A 210 -7.75 -3.93 -11.88
N GLY A 211 -7.17 -3.88 -10.68
CA GLY A 211 -7.92 -3.55 -9.48
C GLY A 211 -8.51 -2.16 -9.53
N ALA A 212 -7.78 -1.22 -10.13
CA ALA A 212 -8.25 0.16 -10.25
C ALA A 212 -9.53 0.24 -11.11
N LEU A 213 -9.55 -0.48 -12.23
CA LEU A 213 -10.72 -0.50 -13.12
C LEU A 213 -11.91 -1.27 -12.51
N ARG A 214 -11.61 -2.24 -11.65
CA ARG A 214 -12.62 -3.01 -10.94
C ARG A 214 -13.40 -2.19 -9.89
N ASN A 215 -12.79 -1.10 -9.43
CA ASN A 215 -13.43 -0.22 -8.44
C ASN A 215 -13.98 1.07 -9.04
N THR A 216 -14.37 0.99 -10.31
CA THR A 216 -15.02 2.09 -11.02
C THR A 216 -16.29 2.62 -10.30
N GLU A 217 -17.00 1.73 -9.60
CA GLU A 217 -18.20 2.13 -8.83
C GLU A 217 -17.85 3.19 -7.77
N TYR A 218 -16.72 3.01 -7.10
CA TYR A 218 -16.24 3.95 -6.10
C TYR A 218 -15.88 5.28 -6.76
N PHE A 219 -15.03 5.22 -7.80
CA PHE A 219 -14.52 6.43 -8.43
C PHE A 219 -15.57 7.21 -9.22
N ASN A 220 -16.58 6.51 -9.74
CA ASN A 220 -17.68 7.18 -10.41
C ASN A 220 -18.48 8.09 -9.47
N GLN A 221 -18.48 7.77 -8.18
CA GLN A 221 -19.14 8.63 -7.19
C GLN A 221 -18.30 9.87 -6.80
N LEU A 222 -17.02 9.90 -7.18
CA LEU A 222 -16.13 11.03 -6.91
C LEU A 222 -15.70 11.77 -8.19
N LYS A 223 -16.60 11.88 -9.16
CA LYS A 223 -16.32 12.57 -10.42
C LYS A 223 -15.81 14.00 -10.20
N ASP A 224 -16.37 14.68 -9.20
CA ASP A 224 -15.99 16.07 -8.90
C ASP A 224 -14.60 16.17 -8.31
N ASN A 225 -14.14 15.11 -7.67
CA ASN A 225 -12.82 15.10 -7.05
C ASN A 225 -11.74 14.86 -8.11
N SER A 226 -11.46 15.92 -8.88
CA SER A 226 -10.59 15.83 -10.05
C SER A 226 -9.12 16.15 -9.73
N ASN A 227 -8.84 16.43 -8.46
CA ASN A 227 -7.48 16.63 -8.00
C ASN A 227 -7.05 15.44 -7.16
N ILE A 228 -5.93 14.82 -7.53
CA ILE A 228 -5.49 13.57 -6.92
C ILE A 228 -4.04 13.66 -6.43
N ILE A 229 -3.80 13.17 -5.22
CA ILE A 229 -2.44 12.88 -4.76
C ILE A 229 -2.31 11.37 -4.61
N LEU A 230 -1.29 10.83 -5.27
CA LEU A 230 -1.01 9.40 -5.25
C LEU A 230 0.33 9.18 -4.53
N LEU A 231 0.32 8.34 -3.51
CA LEU A 231 1.52 8.01 -2.76
C LEU A 231 1.85 6.54 -2.95
N GLY A 232 3.07 6.24 -3.36
CA GLY A 232 3.48 4.85 -3.60
C GLY A 232 4.93 4.62 -3.19
N ASP A 233 5.40 3.39 -3.35
CA ASP A 233 6.83 3.06 -3.16
C ASP A 233 7.41 2.10 -4.21
N SER A 234 6.54 1.49 -5.00
CA SER A 234 6.98 0.65 -6.10
C SER A 234 6.64 1.32 -7.41
N GLN A 235 7.20 0.80 -8.50
CA GLN A 235 6.88 1.30 -9.84
C GLN A 235 5.42 1.01 -10.16
N GLY A 236 4.96 -0.17 -9.75
CA GLY A 236 3.60 -0.63 -10.02
C GLY A 236 2.52 0.24 -9.42
N ASP A 237 2.84 0.93 -8.34
CA ASP A 237 1.89 1.85 -7.70
C ASP A 237 1.50 3.04 -8.58
N LEU A 238 2.24 3.25 -9.66
CA LEU A 238 1.96 4.35 -10.58
C LEU A 238 0.64 4.16 -11.34
N ARG A 239 0.16 2.93 -11.40
CA ARG A 239 -1.07 2.58 -12.09
C ARG A 239 -2.34 2.76 -11.25
N MET A 240 -2.18 3.10 -9.97
CA MET A 240 -3.30 3.09 -9.02
C MET A 240 -4.41 4.09 -9.35
N ALA A 241 -4.11 5.09 -10.18
CA ALA A 241 -5.11 6.10 -10.56
C ALA A 241 -5.76 5.85 -11.91
N ASP A 242 -5.65 4.62 -12.44
CA ASP A 242 -6.20 4.30 -13.77
C ASP A 242 -7.74 4.19 -13.82
N GLY A 243 -8.39 4.21 -12.66
CA GLY A 243 -9.86 4.16 -12.61
C GLY A 243 -10.53 5.49 -12.28
N VAL A 244 -9.73 6.51 -11.94
CA VAL A 244 -10.27 7.82 -11.57
C VAL A 244 -11.07 8.39 -12.73
N ALA A 245 -12.26 8.91 -12.44
CA ALA A 245 -13.20 9.31 -13.49
C ALA A 245 -12.70 10.55 -14.24
N ASN A 246 -12.29 11.58 -13.49
CA ASN A 246 -11.78 12.82 -14.08
C ASN A 246 -10.48 13.25 -13.43
N VAL A 247 -9.47 13.50 -14.26
CA VAL A 247 -8.16 13.92 -13.78
C VAL A 247 -7.86 15.30 -14.34
N GLU A 248 -7.86 16.29 -13.45
CA GLU A 248 -7.51 17.66 -13.79
C GLU A 248 -6.07 17.93 -13.36
N HIS A 249 -5.74 17.53 -12.13
CA HIS A 249 -4.37 17.56 -11.64
C HIS A 249 -4.08 16.32 -10.80
N ILE A 250 -2.95 15.67 -11.08
CA ILE A 250 -2.48 14.54 -10.28
C ILE A 250 -1.01 14.72 -9.88
N LEU A 251 -0.71 14.54 -8.60
CA LEU A 251 0.65 14.59 -8.09
C LEU A 251 1.07 13.22 -7.55
N LYS A 252 2.22 12.71 -8.01
CA LYS A 252 2.71 11.39 -7.61
C LYS A 252 3.98 11.50 -6.78
N ILE A 253 3.83 11.13 -5.50
CA ILE A 253 4.89 11.13 -4.52
C ILE A 253 5.35 9.70 -4.32
N GLY A 254 6.64 9.46 -4.53
CA GLY A 254 7.18 8.10 -4.48
C GLY A 254 8.27 7.93 -3.44
N TYR A 255 8.06 6.98 -2.54
CA TYR A 255 9.08 6.63 -1.54
C TYR A 255 10.03 5.60 -2.14
N LEU A 256 11.30 5.97 -2.24
CA LEU A 256 12.31 5.02 -2.72
C LEU A 256 13.09 4.51 -1.51
N ASN A 257 12.68 3.37 -0.97
CA ASN A 257 13.23 2.83 0.29
C ASN A 257 14.39 1.85 0.11
N ASP A 258 14.38 1.08 -0.97
CA ASP A 258 15.39 0.06 -1.21
C ASP A 258 15.76 -0.03 -2.69
N ARG A 259 16.86 -0.71 -2.98
CA ARG A 259 17.39 -0.76 -4.34
C ARG A 259 17.51 0.67 -4.90
N VAL A 260 18.09 1.57 -4.10
CA VAL A 260 18.11 3.01 -4.42
C VAL A 260 19.01 3.36 -5.60
N ASP A 261 20.25 2.87 -5.59
CA ASP A 261 21.19 3.17 -6.66
C ASP A 261 20.76 2.59 -8.00
N GLU A 262 20.14 1.41 -7.95
CA GLU A 262 19.56 0.80 -9.16
C GLU A 262 18.40 1.61 -9.74
N LEU A 263 17.48 2.09 -8.89
CA LEU A 263 16.19 2.61 -9.35
C LEU A 263 16.00 4.14 -9.31
N LEU A 264 17.01 4.90 -8.88
CA LEU A 264 16.84 6.34 -8.67
C LEU A 264 16.45 7.05 -9.96
N GLU A 265 17.26 6.90 -11.00
CA GLU A 265 16.97 7.48 -12.31
C GLU A 265 15.53 7.20 -12.72
N LYS A 266 15.13 5.94 -12.61
CA LYS A 266 13.81 5.48 -13.06
C LYS A 266 12.69 6.09 -12.26
N TYR A 267 12.84 6.14 -10.94
CA TYR A 267 11.83 6.77 -10.10
C TYR A 267 11.79 8.26 -10.44
N MET A 268 12.96 8.85 -10.62
CA MET A 268 13.02 10.26 -10.96
C MET A 268 12.24 10.58 -12.22
N ASP A 269 12.15 9.63 -13.14
CA ASP A 269 11.50 9.86 -14.42
C ASP A 269 10.02 9.53 -14.44
N SER A 270 9.48 9.07 -13.32
CA SER A 270 8.10 8.61 -13.32
C SER A 270 7.26 9.20 -12.19
N TYR A 271 7.83 9.30 -10.99
CA TYR A 271 7.17 9.99 -9.88
C TYR A 271 7.53 11.47 -9.98
N ASP A 272 6.66 12.33 -9.48
CA ASP A 272 6.92 13.76 -9.50
C ASP A 272 7.86 14.17 -8.37
N ILE A 273 7.67 13.60 -7.19
CA ILE A 273 8.55 13.86 -6.04
C ILE A 273 9.06 12.52 -5.55
N VAL A 274 10.39 12.38 -5.52
CA VAL A 274 11.04 11.16 -5.04
C VAL A 274 11.74 11.42 -3.70
N LEU A 275 11.36 10.63 -2.70
CA LEU A 275 11.88 10.74 -1.35
C LEU A 275 12.69 9.51 -1.03
N VAL A 276 14.01 9.66 -0.92
CA VAL A 276 14.91 8.53 -0.67
C VAL A 276 15.00 8.23 0.83
N GLN A 277 14.74 6.97 1.18
CA GLN A 277 14.78 6.48 2.57
C GLN A 277 14.25 7.48 3.58
N ASP A 278 13.03 7.97 3.33
CA ASP A 278 12.35 8.96 4.15
C ASP A 278 11.21 8.29 4.92
N GLU A 279 11.35 8.21 6.25
CA GLU A 279 10.36 7.52 7.08
C GLU A 279 9.34 8.47 7.69
N SER A 280 8.90 9.46 6.92
CA SER A 280 7.82 10.33 7.39
C SER A 280 6.84 10.69 6.28
N LEU A 281 5.77 11.36 6.68
CA LEU A 281 4.75 11.84 5.76
C LEU A 281 4.77 13.36 5.74
N GLU A 282 5.88 13.98 6.16
CA GLU A 282 5.87 15.43 6.36
C GLU A 282 5.80 16.23 5.07
N VAL A 283 6.29 15.66 3.96
CA VAL A 283 6.16 16.33 2.66
C VAL A 283 4.70 16.33 2.24
N ALA A 284 4.01 15.17 2.32
CA ALA A 284 2.57 15.10 2.04
C ALA A 284 1.80 16.04 2.95
N ASN A 285 2.08 15.98 4.26
CA ASN A 285 1.43 16.87 5.23
C ASN A 285 1.60 18.35 4.93
N SER A 286 2.79 18.75 4.49
CA SER A 286 3.05 20.16 4.18
C SER A 286 2.24 20.59 2.98
N ILE A 287 2.23 19.77 1.94
CA ILE A 287 1.38 20.01 0.77
C ILE A 287 -0.13 20.10 1.15
N LEU A 288 -0.62 19.18 1.98
CA LEU A 288 -2.03 19.23 2.44
C LEU A 288 -2.34 20.52 3.22
N GLN A 289 -1.39 20.97 4.03
CA GLN A 289 -1.61 22.18 4.81
C GLN A 289 -1.95 23.35 3.88
N LYS A 290 -1.30 23.38 2.72
CA LYS A 290 -1.55 24.41 1.72
C LYS A 290 -2.92 24.30 1.04
N ILE A 291 -3.33 23.08 0.70
CA ILE A 291 -4.59 22.82 0.00
C ILE A 291 -5.81 22.99 0.92
N LEU A 292 -5.72 22.42 2.12
CA LEU A 292 -6.86 22.39 3.04
C LEU A 292 -6.81 23.60 3.96
#